data_5WGG
#
_entry.id   5WGG
#
_cell.length_a   68.917
_cell.length_b   153.766
_cell.length_c   51.822
_cell.angle_alpha   90.000
_cell.angle_beta   90.000
_cell.angle_gamma   90.000
#
_symmetry.space_group_name_H-M   'P 21 21 2'
#
loop_
_entity.id
_entity.type
_entity.pdbx_description
1 polymer 'Radical SAM domain protein'
2 polymer CteA
3 non-polymer 'IRON/SULFUR CLUSTER'
4 non-polymer S-ADENOSYLMETHIONINE
5 non-polymer 'CALCIUM ION'
6 water water
#
loop_
_entity_poly.entity_id
_entity_poly.type
_entity_poly.pdbx_seq_one_letter_code
_entity_poly.pdbx_strand_id
1 'polypeptide(L)'
;SNAMAMIHKFSMMGTNIVVDVNSGAVHVVDDISFDILDYYKNFTAGEIKNKLAHKYNADEIDEALREIESLEAEGLLFSE
DPYKEYVSSMDRKSVVKALCLHISHDCNLRCKYCFASTGNFGGQRNMMSLEVGKKAIDFLISESGNRKNLEIDFFGGEPM
MNFDVVKGIIEYARQKEKEHNKNFRFTLTTNGLLLNDENIKYINENMQNIVLSIDGRKEVNDRMRIRIDGSGCYDDILPK
FKYVAESRNQDNYYVRGTFTRENMDFSNDVLHLADEGFRQISVEPVVAAKDSGYDLREEDLPRLFEEYEKLAYEYVKRRK
EGNWFNFFHFMIDLTQGPCIVKRLTGCGSGHEYLAVTPEGDIYPCHQFVGNEKFKMGNVKEGVLNRDIQNYFKNSNVYTK
KECDSCWAKFYCSGGCAANSYNFHKDINTVYKVGCELEKKRVECALWIKAQEM
;
A
2 'polypeptide(L)' MKHIKILNGSTLKDSLKKGGC B
#
# COMPACT_ATOMS: atom_id res chain seq x y z
N MET A 4 8.70 -23.12 0.01
CA MET A 4 9.95 -23.74 -0.44
C MET A 4 10.78 -22.74 -1.24
N ALA A 5 11.97 -23.18 -1.65
CA ALA A 5 12.85 -22.31 -2.44
C ALA A 5 12.19 -21.88 -3.73
N MET A 6 12.42 -20.64 -4.14
CA MET A 6 11.68 -20.12 -5.28
C MET A 6 12.34 -18.84 -5.79
N ILE A 7 12.35 -18.68 -7.10
CA ILE A 7 12.80 -17.42 -7.69
C ILE A 7 11.70 -16.91 -8.62
N HIS A 8 11.81 -15.62 -8.94
CA HIS A 8 10.98 -15.01 -9.97
C HIS A 8 11.92 -14.20 -10.85
N LYS A 9 11.75 -14.33 -12.16
CA LYS A 9 12.55 -13.57 -13.10
C LYS A 9 11.62 -12.93 -14.12
N PHE A 10 11.95 -11.71 -14.50
CA PHE A 10 11.15 -11.03 -15.50
C PHE A 10 12.11 -10.12 -16.26
N SER A 11 11.64 -9.66 -17.41
CA SER A 11 12.42 -8.76 -18.26
C SER A 11 11.57 -7.55 -18.55
N MET A 12 12.09 -6.38 -18.26
CA MET A 12 11.27 -5.18 -18.39
C MET A 12 12.10 -4.09 -19.04
N MET A 13 11.61 -3.59 -20.19
CA MET A 13 12.26 -2.53 -20.93
C MET A 13 13.74 -2.80 -21.10
N GLY A 14 14.08 -4.04 -21.45
CA GLY A 14 15.47 -4.36 -21.72
C GLY A 14 16.28 -4.88 -20.54
N THR A 15 15.81 -4.72 -19.30
CA THR A 15 16.57 -5.17 -18.12
C THR A 15 16.00 -6.51 -17.64
N ASN A 16 16.87 -7.51 -17.46
CA ASN A 16 16.45 -8.81 -16.92
C ASN A 16 16.70 -8.83 -15.43
N ILE A 17 15.67 -9.16 -14.65
CA ILE A 17 15.75 -9.10 -13.20
C ILE A 17 15.35 -10.43 -12.59
N VAL A 18 16.08 -10.86 -11.55
CA VAL A 18 15.85 -12.13 -10.88
C VAL A 18 15.65 -11.87 -9.40
N VAL A 19 14.51 -12.32 -8.86
CA VAL A 19 14.15 -12.17 -7.46
C VAL A 19 14.32 -13.52 -6.78
N ASP A 20 15.23 -13.59 -5.79
CA ASP A 20 15.29 -14.73 -4.89
C ASP A 20 14.36 -14.47 -3.71
N VAL A 21 13.31 -15.27 -3.63
CA VAL A 21 12.17 -14.90 -2.82
C VAL A 21 12.54 -14.89 -1.33
N ASN A 22 13.14 -15.97 -0.83
CA ASN A 22 13.24 -16.12 0.62
C ASN A 22 14.30 -15.20 1.20
N SER A 23 15.32 -14.86 0.44
CA SER A 23 16.39 -14.03 0.96
C SER A 23 16.16 -12.56 0.68
N GLY A 24 15.24 -12.22 -0.21
CA GLY A 24 15.08 -10.86 -0.66
C GLY A 24 16.16 -10.38 -1.62
N ALA A 25 17.09 -11.23 -2.02
CA ALA A 25 18.12 -10.79 -2.95
C ALA A 25 17.50 -10.52 -4.32
N VAL A 26 18.04 -9.51 -4.99
CA VAL A 26 17.58 -9.08 -6.31
C VAL A 26 18.80 -8.92 -7.19
N HIS A 27 18.73 -9.46 -8.41
CA HIS A 27 19.88 -9.54 -9.30
C HIS A 27 19.51 -8.99 -10.67
N VAL A 28 20.48 -8.36 -11.32
CA VAL A 28 20.37 -7.97 -12.71
C VAL A 28 21.26 -8.94 -13.50
N VAL A 29 20.68 -9.63 -14.49
CA VAL A 29 21.38 -10.72 -15.17
C VAL A 29 21.36 -10.51 -16.68
N ASP A 30 22.36 -11.06 -17.36
CA ASP A 30 22.39 -10.98 -18.81
C ASP A 30 21.48 -12.05 -19.41
N ASP A 31 21.37 -12.04 -20.74
CA ASP A 31 20.40 -12.91 -21.40
C ASP A 31 20.72 -14.37 -21.17
N ILE A 32 22.00 -14.74 -21.14
CA ILE A 32 22.33 -16.15 -21.04
C ILE A 32 22.00 -16.67 -19.65
N SER A 33 22.28 -15.89 -18.62
CA SER A 33 21.90 -16.32 -17.28
C SER A 33 20.38 -16.47 -17.18
N PHE A 34 19.66 -15.48 -17.70
CA PHE A 34 18.20 -15.56 -17.72
C PHE A 34 17.72 -16.88 -18.29
N ASP A 35 18.32 -17.33 -19.41
CA ASP A 35 17.88 -18.56 -20.05
C ASP A 35 18.28 -19.80 -19.25
N ILE A 36 19.49 -19.81 -18.69
CA ILE A 36 19.92 -20.94 -17.88
C ILE A 36 18.98 -21.13 -16.69
N LEU A 37 18.51 -20.04 -16.11
CA LEU A 37 17.65 -20.15 -14.92
C LEU A 37 16.35 -20.91 -15.21
N ASP A 38 15.91 -20.97 -16.48
CA ASP A 38 14.76 -21.80 -16.83
C ASP A 38 14.98 -23.26 -16.49
N TYR A 39 16.22 -23.69 -16.42
CA TYR A 39 16.56 -25.11 -16.36
C TYR A 39 17.42 -25.48 -15.17
N TYR A 40 17.96 -24.50 -14.45
CA TYR A 40 19.04 -24.78 -13.50
C TYR A 40 18.64 -25.80 -12.45
N LYS A 41 17.39 -25.80 -11.99
CA LYS A 41 17.04 -26.68 -10.87
C LYS A 41 16.75 -28.11 -11.30
N ASN A 42 16.32 -28.33 -12.53
CA ASN A 42 15.79 -29.62 -12.93
C ASN A 42 16.65 -30.33 -13.95
N PHE A 43 17.81 -29.78 -14.27
CA PHE A 43 18.68 -30.36 -15.29
C PHE A 43 20.13 -30.21 -14.88
N THR A 44 20.96 -31.14 -15.35
CA THR A 44 22.40 -31.04 -15.09
C THR A 44 23.07 -30.05 -16.07
N ALA A 45 24.31 -29.70 -15.73
CA ALA A 45 25.08 -28.80 -16.58
C ALA A 45 25.21 -29.35 -17.99
N GLY A 46 25.39 -30.67 -18.13
CA GLY A 46 25.50 -31.25 -19.46
C GLY A 46 24.20 -31.13 -20.24
N GLU A 47 23.06 -31.39 -19.60
CA GLU A 47 21.79 -31.28 -20.28
C GLU A 47 21.50 -29.83 -20.67
N ILE A 48 21.81 -28.89 -19.79
CA ILE A 48 21.62 -27.47 -20.09
C ILE A 48 22.48 -27.05 -21.26
N LYS A 49 23.73 -27.51 -21.32
CA LYS A 49 24.60 -27.13 -22.42
C LYS A 49 24.04 -27.61 -23.75
N ASN A 50 23.35 -28.76 -23.76
CA ASN A 50 22.74 -29.25 -24.97
C ASN A 50 21.44 -28.52 -25.28
N LYS A 51 20.67 -28.16 -24.25
CA LYS A 51 19.39 -27.49 -24.51
C LYS A 51 19.57 -26.08 -25.05
N LEU A 52 20.69 -25.42 -24.72
CA LEU A 52 20.92 -24.06 -25.21
C LEU A 52 22.01 -23.97 -26.27
N ALA A 53 22.50 -25.12 -26.78
CA ALA A 53 23.65 -25.08 -27.66
C ALA A 53 23.36 -24.35 -28.97
N HIS A 54 22.09 -24.27 -29.38
CA HIS A 54 21.77 -23.54 -30.60
C HIS A 54 22.05 -22.05 -30.47
N LYS A 55 22.09 -21.51 -29.24
CA LYS A 55 22.28 -20.07 -29.02
C LYS A 55 23.54 -19.70 -28.28
N TYR A 56 24.05 -20.54 -27.38
CA TYR A 56 25.19 -20.19 -26.55
C TYR A 56 26.20 -21.33 -26.57
N ASN A 57 27.49 -20.99 -26.65
CA ASN A 57 28.52 -22.02 -26.69
C ASN A 57 28.80 -22.55 -25.29
N ALA A 58 29.41 -23.73 -25.24
CA ALA A 58 29.53 -24.46 -23.97
C ALA A 58 30.36 -23.69 -22.95
N ASP A 59 31.40 -22.97 -23.40
CA ASP A 59 32.27 -22.26 -22.47
C ASP A 59 31.54 -21.13 -21.79
N GLU A 60 30.79 -20.33 -22.56
N GLU A 60 30.78 -20.33 -22.54
CA GLU A 60 30.05 -19.21 -21.97
CA GLU A 60 30.08 -19.22 -21.91
C GLU A 60 28.96 -19.70 -21.02
C GLU A 60 28.93 -19.67 -21.03
N ILE A 61 28.37 -20.86 -21.30
CA ILE A 61 27.34 -21.42 -20.42
C ILE A 61 27.96 -21.87 -19.09
N ASP A 62 29.07 -22.63 -19.15
CA ASP A 62 29.74 -23.01 -17.92
C ASP A 62 30.17 -21.79 -17.11
N GLU A 63 30.53 -20.70 -17.79
CA GLU A 63 30.91 -19.48 -17.09
C GLU A 63 29.74 -18.90 -16.32
N ALA A 64 28.61 -18.68 -17.01
CA ALA A 64 27.40 -18.24 -16.33
C ALA A 64 26.95 -19.26 -15.30
N LEU A 65 27.05 -20.56 -15.63
CA LEU A 65 26.74 -21.58 -14.64
C LEU A 65 27.60 -21.44 -13.39
N ARG A 66 28.91 -21.26 -13.55
CA ARG A 66 29.78 -21.13 -12.38
C ARG A 66 29.42 -19.92 -11.52
N GLU A 67 28.76 -18.90 -12.09
CA GLU A 67 28.32 -17.80 -11.26
C GLU A 67 27.03 -18.14 -10.51
N ILE A 68 26.17 -18.99 -11.09
CA ILE A 68 24.84 -19.24 -10.53
C ILE A 68 24.94 -20.01 -9.22
N GLU A 69 25.59 -21.18 -9.22
CA GLU A 69 25.61 -21.98 -8.00
C GLU A 69 26.54 -21.40 -6.96
N SER A 70 27.50 -20.56 -7.38
CA SER A 70 28.21 -19.71 -6.43
C SER A 70 27.24 -18.78 -5.69
N LEU A 71 26.26 -18.23 -6.40
CA LEU A 71 25.25 -17.41 -5.74
C LEU A 71 24.32 -18.25 -4.87
N GLU A 72 24.05 -19.49 -5.28
CA GLU A 72 23.21 -20.36 -4.48
C GLU A 72 23.95 -20.90 -3.27
N ALA A 73 25.24 -21.16 -3.43
CA ALA A 73 26.05 -21.63 -2.31
C ALA A 73 26.10 -20.61 -1.18
N GLU A 74 25.93 -19.33 -1.49
CA GLU A 74 25.95 -18.30 -0.45
C GLU A 74 24.56 -17.71 -0.20
N GLY A 75 23.50 -18.41 -0.58
CA GLY A 75 22.17 -18.05 -0.13
C GLY A 75 21.53 -16.88 -0.83
N LEU A 76 21.89 -16.62 -2.08
CA LEU A 76 21.29 -15.52 -2.83
C LEU A 76 20.45 -15.97 -4.01
N LEU A 77 20.31 -17.28 -4.23
CA LEU A 77 19.44 -17.84 -5.25
C LEU A 77 18.92 -19.18 -4.76
N PHE A 78 17.61 -19.39 -4.90
CA PHE A 78 16.94 -20.62 -4.44
C PHE A 78 17.23 -20.87 -2.96
N SER A 79 17.33 -19.79 -2.18
CA SER A 79 17.54 -19.97 -0.74
C SER A 79 16.26 -20.51 -0.09
N GLU A 80 16.45 -21.15 1.06
CA GLU A 80 15.34 -21.68 1.84
C GLU A 80 14.83 -20.61 2.80
N ASP A 81 13.62 -20.82 3.34
CA ASP A 81 12.98 -19.84 4.22
C ASP A 81 13.40 -20.07 5.67
N PRO A 82 14.15 -19.15 6.29
CA PRO A 82 14.59 -19.37 7.68
C PRO A 82 13.51 -19.10 8.71
N TYR A 83 12.49 -18.33 8.36
CA TYR A 83 11.41 -17.99 9.26
C TYR A 83 10.28 -19.03 9.27
N LYS A 84 10.39 -20.08 8.45
CA LYS A 84 9.26 -21.00 8.26
C LYS A 84 8.90 -21.73 9.55
N GLU A 85 9.88 -22.31 10.24
CA GLU A 85 9.60 -23.11 11.43
C GLU A 85 8.96 -22.28 12.53
N TYR A 86 9.30 -21.00 12.62
CA TYR A 86 8.88 -20.19 13.75
C TYR A 86 7.41 -19.79 13.68
N VAL A 87 6.86 -19.59 12.47
CA VAL A 87 5.56 -18.92 12.34
C VAL A 87 4.39 -19.71 12.92
N SER A 88 4.55 -21.01 13.20
CA SER A 88 3.44 -21.83 13.70
C SER A 88 2.91 -21.35 15.04
N SER A 89 2.46 -20.10 15.10
CA SER A 89 1.86 -19.51 16.30
C SER A 89 0.55 -18.84 15.92
N MET A 90 -0.51 -19.16 16.66
CA MET A 90 -1.80 -18.52 16.44
C MET A 90 -2.39 -17.92 17.71
N ASP A 91 -1.75 -18.08 18.86
CA ASP A 91 -2.26 -17.53 20.11
C ASP A 91 -1.74 -16.12 20.39
N ARG A 92 -1.16 -15.45 19.39
CA ARG A 92 -0.54 -14.15 19.58
C ARG A 92 -1.55 -13.11 20.03
N LYS A 93 -1.36 -12.57 21.23
CA LYS A 93 -2.13 -11.41 21.65
C LYS A 93 -1.87 -10.26 20.69
N SER A 94 -2.94 -9.73 20.11
CA SER A 94 -2.81 -8.60 19.20
C SER A 94 -2.65 -7.31 19.97
N VAL A 95 -1.93 -6.38 19.38
CA VAL A 95 -1.72 -5.06 19.96
C VAL A 95 -2.22 -4.03 18.96
N VAL A 96 -3.25 -3.28 19.34
CA VAL A 96 -3.79 -2.27 18.43
C VAL A 96 -2.85 -1.08 18.41
N LYS A 97 -2.35 -0.73 17.23
CA LYS A 97 -1.37 0.33 17.09
C LYS A 97 -1.94 1.61 16.52
N ALA A 98 -3.10 1.55 15.88
CA ALA A 98 -3.65 2.69 15.15
C ALA A 98 -5.16 2.61 15.12
N LEU A 99 -5.80 3.78 15.14
CA LEU A 99 -7.25 3.87 14.95
C LEU A 99 -7.55 4.81 13.79
N CYS A 100 -8.50 4.39 12.95
CA CYS A 100 -9.02 5.27 11.92
C CYS A 100 -10.36 5.82 12.45
N LEU A 101 -10.39 7.12 12.79
CA LEU A 101 -11.56 7.74 13.43
C LEU A 101 -12.48 8.34 12.37
N HIS A 102 -13.68 7.77 12.23
CA HIS A 102 -14.69 8.33 11.33
C HIS A 102 -15.32 9.55 12.00
N ILE A 103 -14.60 10.67 11.89
CA ILE A 103 -14.94 11.90 12.61
C ILE A 103 -16.32 12.40 12.20
N SER A 104 -16.74 12.07 10.99
CA SER A 104 -18.09 12.38 10.53
C SER A 104 -18.44 11.38 9.44
N HIS A 105 -19.72 10.97 9.39
CA HIS A 105 -20.22 10.22 8.24
C HIS A 105 -20.92 11.11 7.23
N ASP A 106 -21.02 12.39 7.52
CA ASP A 106 -21.52 13.31 6.53
C ASP A 106 -20.33 13.76 5.68
N CYS A 107 -20.64 14.25 4.50
CA CYS A 107 -19.62 14.83 3.65
C CYS A 107 -20.29 15.87 2.75
N ASN A 108 -19.47 16.65 2.06
CA ASN A 108 -20.00 17.61 1.10
C ASN A 108 -19.74 17.20 -0.34
N LEU A 109 -19.34 15.95 -0.57
CA LEU A 109 -19.24 15.39 -1.92
C LEU A 109 -19.93 14.04 -1.94
N ARG A 110 -20.24 13.56 -3.14
CA ARG A 110 -20.77 12.21 -3.33
C ARG A 110 -19.86 11.52 -4.33
N CYS A 111 -18.60 11.32 -3.92
CA CYS A 111 -17.63 10.62 -4.74
C CYS A 111 -18.14 9.23 -5.02
N LYS A 112 -18.17 8.84 -6.30
CA LYS A 112 -19.01 7.70 -6.59
C LYS A 112 -18.39 6.37 -6.12
N TYR A 113 -17.07 6.15 -6.29
CA TYR A 113 -16.45 4.90 -5.83
C TYR A 113 -16.44 4.75 -4.30
N CYS A 114 -16.93 5.71 -3.56
CA CYS A 114 -16.70 5.76 -2.12
C CYS A 114 -17.76 5.01 -1.31
N PHE A 115 -17.33 4.47 -0.16
CA PHE A 115 -18.27 3.81 0.75
C PHE A 115 -19.27 4.80 1.34
N ALA A 116 -18.89 6.09 1.41
CA ALA A 116 -19.82 7.13 1.86
C ALA A 116 -20.98 7.35 0.90
N SER A 117 -20.90 6.85 -0.32
CA SER A 117 -21.97 7.01 -1.29
C SER A 117 -22.74 5.71 -1.49
N ARG A 125 -24.30 11.37 7.56
CA ARG A 125 -24.94 11.05 8.81
C ARG A 125 -24.45 11.79 10.04
N ASN A 126 -23.79 11.10 10.94
CA ASN A 126 -23.53 11.73 12.24
C ASN A 126 -22.12 12.31 12.36
N MET A 127 -22.01 13.31 13.24
CA MET A 127 -20.73 13.81 13.74
C MET A 127 -20.31 12.98 14.95
N MET A 128 -19.02 12.72 15.07
CA MET A 128 -18.52 12.03 16.25
C MET A 128 -18.44 13.04 17.39
N SER A 129 -18.95 12.64 18.57
CA SER A 129 -18.90 13.51 19.73
C SER A 129 -17.49 13.49 20.31
N LEU A 130 -17.13 14.58 20.98
CA LEU A 130 -15.86 14.61 21.70
C LEU A 130 -15.78 13.45 22.71
N GLU A 131 -16.92 13.05 23.27
CA GLU A 131 -16.91 11.96 24.25
C GLU A 131 -16.54 10.63 23.60
N VAL A 132 -17.10 10.34 22.42
CA VAL A 132 -16.72 9.12 21.69
C VAL A 132 -15.24 9.17 21.32
N GLY A 133 -14.79 10.30 20.79
CA GLY A 133 -13.40 10.43 20.42
C GLY A 133 -12.46 10.22 21.61
N LYS A 134 -12.84 10.73 22.78
CA LYS A 134 -12.06 10.49 23.99
C LYS A 134 -12.10 9.01 24.37
N LYS A 135 -13.26 8.36 24.20
CA LYS A 135 -13.32 6.91 24.41
C LYS A 135 -12.38 6.18 23.45
N ALA A 136 -12.34 6.61 22.19
CA ALA A 136 -11.46 5.97 21.21
C ALA A 136 -10.00 6.10 21.61
N ILE A 137 -9.60 7.26 22.13
CA ILE A 137 -8.24 7.42 22.63
C ILE A 137 -7.98 6.44 23.77
N ASP A 138 -8.87 6.43 24.78
CA ASP A 138 -8.65 5.55 25.93
C ASP A 138 -8.67 4.09 25.53
N PHE A 139 -9.55 3.72 24.58
CA PHE A 139 -9.52 2.35 24.06
C PHE A 139 -8.16 2.03 23.45
N LEU A 140 -7.62 2.93 22.62
CA LEU A 140 -6.34 2.64 21.98
C LEU A 140 -5.20 2.54 22.99
N ILE A 141 -5.25 3.33 24.07
CA ILE A 141 -4.20 3.22 25.09
C ILE A 141 -4.25 1.86 25.79
N SER A 142 -5.45 1.42 26.19
CA SER A 142 -5.54 0.14 26.90
C SER A 142 -5.31 -1.05 25.98
N GLU A 143 -5.53 -0.92 24.67
CA GLU A 143 -5.29 -2.03 23.76
C GLU A 143 -3.92 -1.99 23.10
N SER A 144 -3.15 -0.93 23.27
CA SER A 144 -1.81 -0.85 22.71
C SER A 144 -0.74 -1.42 23.63
N GLY A 145 -1.12 -1.89 24.81
CA GLY A 145 -0.18 -2.53 25.70
C GLY A 145 0.99 -1.61 26.00
N ASN A 146 2.19 -2.08 25.64
CA ASN A 146 3.43 -1.38 25.98
C ASN A 146 4.06 -0.71 24.76
N ARG A 147 3.27 -0.41 23.74
CA ARG A 147 3.77 0.27 22.56
C ARG A 147 3.63 1.78 22.75
N LYS A 148 4.74 2.50 22.58
CA LYS A 148 4.69 3.94 22.86
C LYS A 148 4.07 4.70 21.70
N ASN A 149 4.42 4.35 20.47
CA ASN A 149 4.03 5.13 19.29
C ASN A 149 2.67 4.67 18.78
N LEU A 150 1.65 5.53 18.91
CA LEU A 150 0.30 5.27 18.46
C LEU A 150 -0.07 6.22 17.34
N GLU A 151 -0.93 5.76 16.43
CA GLU A 151 -1.35 6.54 15.27
C GLU A 151 -2.86 6.75 15.31
N ILE A 152 -3.28 7.97 14.97
CA ILE A 152 -4.69 8.35 14.85
C ILE A 152 -4.87 8.99 13.49
N ASP A 153 -5.72 8.39 12.65
CA ASP A 153 -6.06 8.98 11.36
C ASP A 153 -7.44 9.61 11.48
N PHE A 154 -7.51 10.92 11.27
CA PHE A 154 -8.79 11.63 11.25
C PHE A 154 -9.41 11.44 9.88
N PHE A 155 -10.56 10.80 9.85
CA PHE A 155 -11.10 10.20 8.63
C PHE A 155 -12.60 10.41 8.62
N GLY A 156 -13.27 9.65 7.78
CA GLY A 156 -14.68 9.45 7.95
C GLY A 156 -15.27 9.60 6.58
N GLY A 157 -16.31 10.42 6.52
CA GLY A 157 -16.59 11.22 5.36
C GLY A 157 -15.59 12.35 5.45
N GLU A 158 -16.07 13.60 5.56
CA GLU A 158 -15.13 14.69 5.60
C GLU A 158 -14.85 15.11 7.04
N PRO A 159 -13.66 14.83 7.59
CA PRO A 159 -13.39 15.16 9.01
C PRO A 159 -13.47 16.63 9.33
N MET A 160 -13.08 17.51 8.41
CA MET A 160 -13.07 18.95 8.68
C MET A 160 -14.45 19.53 8.88
N MET A 161 -15.49 18.78 8.59
CA MET A 161 -16.81 19.25 8.97
C MET A 161 -17.07 19.07 10.46
N ASN A 162 -16.15 18.48 11.22
CA ASN A 162 -16.30 18.38 12.67
C ASN A 162 -14.94 18.67 13.31
N PHE A 163 -14.31 19.75 12.83
CA PHE A 163 -12.91 20.01 13.15
C PHE A 163 -12.70 20.35 14.62
N ASP A 164 -13.70 20.93 15.29
CA ASP A 164 -13.55 21.19 16.71
C ASP A 164 -13.38 19.90 17.51
N VAL A 165 -14.05 18.82 17.11
CA VAL A 165 -13.84 17.56 17.81
C VAL A 165 -12.44 17.02 17.53
N VAL A 166 -11.91 17.24 16.33
CA VAL A 166 -10.55 16.80 16.03
C VAL A 166 -9.57 17.45 17.00
N LYS A 167 -9.74 18.78 17.22
CA LYS A 167 -8.80 19.51 18.07
C LYS A 167 -8.90 19.07 19.53
N GLY A 168 -10.11 18.81 20.01
CA GLY A 168 -10.25 18.31 21.37
C GLY A 168 -9.65 16.93 21.54
N ILE A 169 -9.76 16.09 20.51
CA ILE A 169 -9.14 14.77 20.56
C ILE A 169 -7.63 14.91 20.69
N ILE A 170 -7.03 15.81 19.91
CA ILE A 170 -5.59 15.99 19.95
C ILE A 170 -5.15 16.45 21.34
N GLU A 171 -5.83 17.47 21.88
CA GLU A 171 -5.44 17.98 23.20
C GLU A 171 -5.66 16.92 24.27
N TYR A 172 -6.76 16.16 24.18
CA TYR A 172 -6.98 15.06 25.10
C TYR A 172 -5.84 14.05 25.01
N ALA A 173 -5.57 13.56 23.80
CA ALA A 173 -4.51 12.57 23.63
C ALA A 173 -3.15 13.14 23.99
N ARG A 174 -2.91 14.42 23.68
CA ARG A 174 -1.62 15.02 23.99
C ARG A 174 -1.39 15.10 25.50
N GLN A 175 -2.44 15.16 26.30
CA GLN A 175 -2.29 15.15 27.75
C GLN A 175 -2.14 13.74 28.31
N LYS A 176 -2.77 12.74 27.69
CA LYS A 176 -2.64 11.37 28.19
C LYS A 176 -1.27 10.79 27.93
N GLU A 177 -0.44 11.44 27.11
CA GLU A 177 0.87 10.91 26.76
C GLU A 177 1.75 10.72 27.98
N LYS A 178 1.81 11.74 28.86
CA LYS A 178 2.73 11.71 30.00
C LYS A 178 2.47 10.51 30.90
N GLU A 179 1.22 10.33 31.33
CA GLU A 179 0.92 9.28 32.30
C GLU A 179 1.18 7.88 31.73
N HIS A 180 1.01 7.70 30.42
CA HIS A 180 1.07 6.36 29.83
C HIS A 180 2.28 6.13 28.96
N ASN A 181 3.23 7.07 28.93
CA ASN A 181 4.43 6.94 28.10
C ASN A 181 4.05 6.66 26.64
N LYS A 182 3.08 7.41 26.15
CA LYS A 182 2.61 7.30 24.77
C LYS A 182 3.10 8.50 23.97
N ASN A 183 3.11 8.34 22.65
CA ASN A 183 3.41 9.44 21.72
C ASN A 183 2.47 9.29 20.54
N PHE A 184 1.48 10.18 20.44
CA PHE A 184 0.52 10.12 19.34
C PHE A 184 1.03 10.87 18.11
N ARG A 185 0.82 10.27 16.95
CA ARG A 185 1.06 10.86 15.65
C ARG A 185 -0.26 10.91 14.90
N PHE A 186 -0.66 12.10 14.46
CA PHE A 186 -1.99 12.33 13.90
C PHE A 186 -1.93 12.53 12.39
N THR A 187 -2.84 11.86 11.68
CA THR A 187 -2.98 12.04 10.24
C THR A 187 -4.38 12.60 9.96
N LEU A 188 -4.48 13.46 8.95
CA LEU A 188 -5.77 13.97 8.50
C LEU A 188 -5.89 13.74 7.00
N THR A 189 -7.04 13.22 6.57
CA THR A 189 -7.32 12.98 5.16
C THR A 189 -8.54 13.81 4.82
N THR A 190 -8.41 14.74 3.87
CA THR A 190 -9.51 15.65 3.58
C THR A 190 -9.69 15.81 2.08
N ASN A 191 -10.96 16.03 1.70
CA ASN A 191 -11.30 16.38 0.33
C ASN A 191 -10.93 17.81 -0.02
N GLY A 192 -10.51 18.62 0.96
CA GLY A 192 -9.97 19.95 0.70
C GLY A 192 -10.98 21.08 0.67
N LEU A 193 -12.27 20.79 0.47
CA LEU A 193 -13.24 21.87 0.26
C LEU A 193 -13.25 22.89 1.39
N LEU A 194 -12.97 22.47 2.62
CA LEU A 194 -13.10 23.35 3.78
C LEU A 194 -11.76 23.80 4.37
N LEU A 195 -10.66 23.64 3.63
CA LEU A 195 -9.39 24.19 4.09
C LEU A 195 -9.38 25.71 3.93
N ASN A 196 -8.64 26.36 4.82
CA ASN A 196 -8.38 27.80 4.73
C ASN A 196 -7.07 28.08 5.44
N ASP A 197 -6.68 29.36 5.42
CA ASP A 197 -5.40 29.76 6.00
C ASP A 197 -5.31 29.37 7.47
N GLU A 198 -6.39 29.60 8.23
CA GLU A 198 -6.30 29.41 9.68
C GLU A 198 -6.24 27.94 10.09
N ASN A 199 -7.04 27.08 9.46
CA ASN A 199 -6.97 25.67 9.88
C ASN A 199 -5.77 24.96 9.28
N ILE A 200 -5.18 25.50 8.21
CA ILE A 200 -3.95 24.91 7.70
C ILE A 200 -2.79 25.23 8.63
N LYS A 201 -2.77 26.45 9.18
CA LYS A 201 -1.83 26.79 10.24
C LYS A 201 -1.91 25.80 11.42
N TYR A 202 -3.13 25.49 11.89
CA TYR A 202 -3.29 24.49 12.94
C TYR A 202 -2.80 23.12 12.48
N ILE A 203 -3.14 22.75 11.23
CA ILE A 203 -2.75 21.46 10.67
C ILE A 203 -1.23 21.30 10.62
N ASN A 204 -0.52 22.35 10.19
CA ASN A 204 0.94 22.28 10.18
C ASN A 204 1.54 22.33 11.59
N GLU A 205 0.80 22.76 12.59
CA GLU A 205 1.30 22.66 13.95
C GLU A 205 1.06 21.28 14.56
N ASN A 206 0.04 20.55 14.12
CA ASN A 206 -0.46 19.40 14.86
C ASN A 206 -0.58 18.10 14.07
N MET A 207 -0.70 18.14 12.75
CA MET A 207 -0.83 16.92 11.93
C MET A 207 0.55 16.53 11.44
N GLN A 208 1.02 15.36 11.89
CA GLN A 208 2.28 14.85 11.37
C GLN A 208 2.19 14.52 9.89
N ASN A 209 1.00 14.24 9.39
CA ASN A 209 0.79 13.86 8.00
C ASN A 209 -0.60 14.32 7.56
N ILE A 210 -0.71 14.75 6.31
CA ILE A 210 -2.01 15.13 5.77
C ILE A 210 -2.15 14.58 4.36
N VAL A 211 -3.29 13.98 4.08
CA VAL A 211 -3.53 13.33 2.80
C VAL A 211 -4.57 14.17 2.05
N LEU A 212 -4.25 14.52 0.82
CA LEU A 212 -5.10 15.43 0.05
C LEU A 212 -5.66 14.71 -1.16
N SER A 213 -6.98 14.60 -1.25
CA SER A 213 -7.63 13.72 -2.22
C SER A 213 -7.92 14.46 -3.52
N ILE A 214 -7.27 14.02 -4.59
CA ILE A 214 -7.49 14.54 -5.94
C ILE A 214 -7.05 13.45 -6.92
N ASP A 215 -7.86 13.19 -7.93
CA ASP A 215 -7.67 11.99 -8.74
C ASP A 215 -6.80 12.23 -9.99
N GLY A 216 -6.39 13.48 -10.25
CA GLY A 216 -5.48 13.69 -11.35
C GLY A 216 -5.99 14.79 -12.26
N ARG A 217 -6.14 14.51 -13.55
CA ARG A 217 -6.64 15.54 -14.46
C ARG A 217 -8.03 15.99 -14.03
N LYS A 218 -8.36 17.24 -14.39
CA LYS A 218 -9.62 17.83 -13.98
C LYS A 218 -10.80 17.00 -14.44
N GLU A 219 -10.75 16.49 -15.69
CA GLU A 219 -11.86 15.70 -16.21
C GLU A 219 -11.97 14.37 -15.47
N VAL A 220 -10.83 13.75 -15.12
CA VAL A 220 -10.88 12.51 -14.36
C VAL A 220 -11.43 12.78 -12.95
N ASN A 221 -10.91 13.84 -12.30
CA ASN A 221 -11.32 14.17 -10.94
C ASN A 221 -12.80 14.54 -10.88
N ASP A 222 -13.22 15.48 -11.73
CA ASP A 222 -14.60 15.96 -11.66
C ASP A 222 -15.61 14.99 -12.26
N ARG A 223 -15.16 13.92 -12.91
CA ARG A 223 -16.08 12.84 -13.29
C ARG A 223 -16.52 12.03 -12.08
N MET A 224 -15.62 11.86 -11.09
CA MET A 224 -15.83 10.98 -9.95
C MET A 224 -16.12 11.71 -8.64
N ARG A 225 -15.45 12.83 -8.37
CA ARG A 225 -15.54 13.51 -7.09
C ARG A 225 -16.48 14.70 -7.24
N ILE A 226 -17.74 14.51 -6.82
CA ILE A 226 -18.89 15.28 -7.27
C ILE A 226 -19.61 15.86 -6.07
N ARG A 227 -19.92 17.16 -6.12
CA ARG A 227 -20.79 17.77 -5.12
C ARG A 227 -22.23 17.25 -5.26
N ILE A 228 -23.05 17.53 -4.25
CA ILE A 228 -24.41 17.00 -4.31
C ILE A 228 -25.18 17.62 -5.49
N ASP A 229 -24.80 18.80 -5.96
CA ASP A 229 -25.43 19.37 -7.15
C ASP A 229 -24.89 18.77 -8.45
N GLY A 230 -23.75 18.08 -8.40
CA GLY A 230 -23.22 17.38 -9.55
C GLY A 230 -22.00 18.01 -10.18
N SER A 231 -21.60 19.21 -9.75
CA SER A 231 -20.44 19.86 -10.33
C SER A 231 -19.15 19.36 -9.69
N GLY A 232 -18.02 19.68 -10.33
CA GLY A 232 -16.73 19.18 -9.90
C GLY A 232 -16.10 20.03 -8.80
N CYS A 233 -15.00 19.51 -8.25
CA CYS A 233 -14.29 20.20 -7.17
C CYS A 233 -12.84 20.54 -7.50
N TYR A 234 -12.36 20.17 -8.69
CA TYR A 234 -10.95 20.35 -9.02
C TYR A 234 -10.51 21.80 -8.86
N ASP A 235 -11.25 22.74 -9.46
CA ASP A 235 -10.86 24.15 -9.42
C ASP A 235 -10.77 24.69 -8.00
N ASP A 236 -11.63 24.20 -7.11
CA ASP A 236 -11.63 24.68 -5.74
C ASP A 236 -10.45 24.11 -4.96
N ILE A 237 -10.23 22.80 -5.05
CA ILE A 237 -9.27 22.16 -4.16
C ILE A 237 -7.83 22.34 -4.65
N LEU A 238 -7.59 22.41 -5.96
CA LEU A 238 -6.22 22.40 -6.47
C LEU A 238 -5.35 23.49 -5.84
N PRO A 239 -5.73 24.79 -5.83
CA PRO A 239 -4.85 25.81 -5.22
C PRO A 239 -4.66 25.61 -3.73
N LYS A 240 -5.70 25.17 -3.03
CA LYS A 240 -5.55 24.88 -1.60
C LYS A 240 -4.50 23.79 -1.39
N PHE A 241 -4.47 22.78 -2.26
CA PHE A 241 -3.55 21.67 -2.07
C PHE A 241 -2.10 22.10 -2.35
N LYS A 242 -1.87 22.89 -3.41
CA LYS A 242 -0.53 23.42 -3.65
C LYS A 242 -0.07 24.28 -2.47
N TYR A 243 -0.95 25.13 -1.96
CA TYR A 243 -0.63 25.90 -0.77
C TYR A 243 -0.20 24.99 0.39
N VAL A 244 -1.01 23.97 0.70
CA VAL A 244 -0.63 23.02 1.75
C VAL A 244 0.70 22.36 1.44
N ALA A 245 0.83 21.80 0.24
CA ALA A 245 2.10 21.19 -0.16
C ALA A 245 3.28 22.13 0.09
N GLU A 246 3.20 23.38 -0.39
CA GLU A 246 4.35 24.25 -0.22
C GLU A 246 4.53 24.70 1.22
N SER A 247 3.45 24.92 1.96
CA SER A 247 3.60 25.32 3.36
C SER A 247 4.20 24.20 4.21
N ARG A 248 4.21 22.96 3.72
CA ARG A 248 4.88 21.86 4.39
C ARG A 248 6.19 21.48 3.70
N ASN A 249 6.75 22.38 2.88
CA ASN A 249 8.06 22.19 2.24
C ASN A 249 8.08 20.94 1.37
N GLN A 250 6.95 20.68 0.71
CA GLN A 250 6.72 19.52 -0.13
C GLN A 250 7.05 18.20 0.58
N ASP A 251 6.77 18.15 1.88
CA ASP A 251 7.06 16.96 2.68
C ASP A 251 5.89 16.69 3.61
N ASN A 252 5.89 15.49 4.20
CA ASN A 252 4.91 15.11 5.21
C ASN A 252 3.47 15.36 4.75
N TYR A 253 3.21 15.05 3.49
CA TYR A 253 1.88 15.08 2.89
C TYR A 253 1.94 14.14 1.68
N TYR A 254 0.78 13.77 1.17
CA TYR A 254 0.75 13.38 -0.24
C TYR A 254 -0.63 13.67 -0.82
N VAL A 255 -0.66 13.87 -2.14
CA VAL A 255 -1.94 13.92 -2.84
C VAL A 255 -2.30 12.49 -3.19
N ARG A 256 -3.56 12.14 -2.98
CA ARG A 256 -3.99 10.75 -3.06
C ARG A 256 -5.10 10.62 -4.11
N GLY A 257 -4.81 9.90 -5.18
CA GLY A 257 -5.81 9.68 -6.20
C GLY A 257 -6.28 8.24 -6.18
N THR A 258 -7.45 7.99 -6.77
CA THR A 258 -8.00 6.65 -6.94
C THR A 258 -8.28 6.48 -8.42
N PHE A 259 -7.74 5.43 -9.05
CA PHE A 259 -8.04 5.22 -10.45
C PHE A 259 -8.96 4.04 -10.64
N THR A 260 -9.88 4.16 -11.59
CA THR A 260 -10.88 3.13 -11.85
C THR A 260 -10.76 2.70 -13.30
N ARG A 261 -11.73 1.88 -13.72
CA ARG A 261 -11.87 1.50 -15.11
C ARG A 261 -12.09 2.71 -16.02
N GLU A 262 -12.58 3.82 -15.45
CA GLU A 262 -12.84 5.03 -16.24
C GLU A 262 -11.55 5.72 -16.64
N ASN A 263 -10.49 5.59 -15.86
CA ASN A 263 -9.21 6.24 -16.20
C ASN A 263 -8.09 5.20 -16.13
N MET A 264 -8.09 4.28 -17.08
CA MET A 264 -7.02 3.29 -17.11
C MET A 264 -5.72 3.82 -17.69
N ASP A 265 -5.72 5.00 -18.32
CA ASP A 265 -4.48 5.71 -18.70
C ASP A 265 -3.95 6.55 -17.55
N PHE A 266 -3.85 5.93 -16.36
CA PHE A 266 -3.64 6.67 -15.12
C PHE A 266 -2.25 7.28 -15.01
N SER A 267 -1.29 6.86 -15.84
CA SER A 267 -0.01 7.56 -15.87
C SER A 267 -0.21 9.03 -16.21
N ASN A 268 -1.16 9.32 -17.11
CA ASN A 268 -1.49 10.71 -17.41
C ASN A 268 -1.94 11.48 -16.17
N ASP A 269 -2.59 10.81 -15.21
CA ASP A 269 -3.03 11.51 -14.01
C ASP A 269 -1.92 11.71 -13.00
N VAL A 270 -1.08 10.70 -12.79
CA VAL A 270 0.10 10.87 -11.96
C VAL A 270 0.97 12.01 -12.50
N LEU A 271 1.19 12.02 -13.81
CA LEU A 271 2.07 13.02 -14.40
C LEU A 271 1.44 14.39 -14.43
N HIS A 272 0.10 14.46 -14.41
CA HIS A 272 -0.55 15.75 -14.27
C HIS A 272 -0.31 16.33 -12.87
N LEU A 273 -0.46 15.49 -11.83
CA LEU A 273 -0.17 15.94 -10.47
C LEU A 273 1.31 16.31 -10.32
N ALA A 274 2.20 15.54 -10.95
CA ALA A 274 3.61 15.93 -10.93
C ALA A 274 3.82 17.27 -11.62
N ASP A 275 3.19 17.47 -12.79
CA ASP A 275 3.38 18.73 -13.52
C ASP A 275 2.80 19.91 -12.76
N GLU A 276 1.94 19.67 -11.79
CA GLU A 276 1.40 20.74 -10.97
C GLU A 276 2.23 21.02 -9.73
N GLY A 277 3.37 20.35 -9.56
CA GLY A 277 4.30 20.65 -8.50
C GLY A 277 4.28 19.69 -7.32
N PHE A 278 3.38 18.70 -7.28
CA PHE A 278 3.32 17.80 -6.14
C PHE A 278 4.51 16.85 -6.18
N ARG A 279 5.35 16.91 -5.14
CA ARG A 279 6.47 15.99 -5.02
C ARG A 279 6.05 14.64 -4.44
N GLN A 280 4.92 14.58 -3.75
CA GLN A 280 4.52 13.36 -3.04
C GLN A 280 3.14 12.93 -3.54
N ILE A 281 3.09 11.79 -4.24
CA ILE A 281 1.89 11.38 -4.97
C ILE A 281 1.61 9.90 -4.69
N SER A 282 0.34 9.58 -4.43
CA SER A 282 -0.09 8.20 -4.45
C SER A 282 -1.35 8.09 -5.29
N VAL A 283 -1.32 7.28 -6.34
CA VAL A 283 -2.51 7.00 -7.12
C VAL A 283 -2.69 5.49 -7.12
N GLU A 284 -3.84 5.02 -6.65
CA GLU A 284 -4.06 3.63 -6.30
C GLU A 284 -5.32 3.07 -6.97
N PRO A 285 -5.35 1.77 -7.25
CA PRO A 285 -6.58 1.19 -7.81
C PRO A 285 -7.75 1.21 -6.82
N VAL A 286 -8.95 1.40 -7.37
CA VAL A 286 -10.19 1.40 -6.58
C VAL A 286 -10.34 0.08 -5.81
N VAL A 287 -10.82 0.20 -4.57
CA VAL A 287 -11.05 -0.93 -3.68
C VAL A 287 -12.54 -1.28 -3.66
N ALA A 288 -12.85 -2.58 -3.63
CA ALA A 288 -14.21 -3.10 -3.36
C ALA A 288 -15.23 -2.58 -4.37
N ALA A 289 -14.91 -2.66 -5.65
CA ALA A 289 -15.73 -2.08 -6.69
C ALA A 289 -16.46 -3.14 -7.51
N LYS A 290 -16.71 -4.30 -6.89
CA LYS A 290 -17.44 -5.39 -7.54
C LYS A 290 -18.78 -4.91 -8.08
N ASP A 291 -19.09 -5.33 -9.31
CA ASP A 291 -20.38 -5.03 -9.94
C ASP A 291 -20.70 -3.54 -9.93
N SER A 292 -19.68 -2.70 -10.06
CA SER A 292 -19.83 -1.27 -9.93
C SER A 292 -19.81 -0.54 -11.26
N GLY A 293 -19.39 -1.21 -12.31
CA GLY A 293 -18.96 -0.49 -13.47
C GLY A 293 -17.56 0.09 -13.39
N TYR A 294 -16.85 -0.03 -12.25
CA TYR A 294 -15.53 0.60 -12.08
C TYR A 294 -14.37 -0.34 -11.92
N ASP A 295 -14.61 -1.54 -11.46
CA ASP A 295 -13.50 -2.40 -11.07
C ASP A 295 -12.63 -2.67 -12.28
N LEU A 296 -11.33 -2.70 -12.06
CA LEU A 296 -10.43 -3.20 -13.08
C LEU A 296 -10.67 -4.70 -13.21
N ARG A 297 -10.79 -5.18 -14.44
CA ARG A 297 -11.05 -6.59 -14.68
C ARG A 297 -9.81 -7.27 -15.22
N GLU A 298 -9.87 -8.60 -15.29
CA GLU A 298 -8.78 -9.39 -15.83
C GLU A 298 -8.43 -8.97 -17.24
N GLU A 299 -9.44 -8.64 -18.05
CA GLU A 299 -9.24 -8.20 -19.44
C GLU A 299 -8.42 -6.92 -19.51
N ASP A 300 -8.40 -6.14 -18.43
CA ASP A 300 -7.74 -4.85 -18.39
C ASP A 300 -6.27 -4.93 -17.98
N LEU A 301 -5.81 -6.09 -17.49
CA LEU A 301 -4.45 -6.17 -16.95
C LEU A 301 -3.36 -5.83 -17.97
N PRO A 302 -3.41 -6.29 -19.23
CA PRO A 302 -2.39 -5.86 -20.21
C PRO A 302 -2.26 -4.35 -20.35
N ARG A 303 -3.38 -3.62 -20.48
CA ARG A 303 -3.29 -2.17 -20.59
C ARG A 303 -2.74 -1.54 -19.32
N LEU A 304 -3.16 -2.05 -18.15
CA LEU A 304 -2.65 -1.48 -16.92
C LEU A 304 -1.18 -1.81 -16.70
N PHE A 305 -0.74 -2.99 -17.14
CA PHE A 305 0.67 -3.34 -17.05
C PHE A 305 1.51 -2.37 -17.88
N GLU A 306 1.09 -2.12 -19.12
CA GLU A 306 1.82 -1.18 -19.95
C GLU A 306 1.79 0.22 -19.33
N GLU A 307 0.70 0.56 -18.65
CA GLU A 307 0.60 1.88 -18.03
C GLU A 307 1.60 2.05 -16.89
N TYR A 308 1.74 1.02 -16.02
CA TYR A 308 2.74 1.08 -14.96
C TYR A 308 4.14 1.18 -15.53
N GLU A 309 4.41 0.45 -16.61
CA GLU A 309 5.74 0.47 -17.20
C GLU A 309 6.04 1.84 -17.80
N LYS A 310 5.07 2.43 -18.48
CA LYS A 310 5.35 3.75 -19.03
C LYS A 310 5.48 4.77 -17.90
N LEU A 311 4.77 4.58 -16.76
CA LEU A 311 4.95 5.53 -15.66
C LEU A 311 6.33 5.37 -15.02
N ALA A 312 6.80 4.13 -14.88
CA ALA A 312 8.12 3.87 -14.33
C ALA A 312 9.23 4.48 -15.19
N TYR A 313 9.14 4.33 -16.51
CA TYR A 313 10.18 4.88 -17.39
C TYR A 313 10.26 6.40 -17.20
N GLU A 314 9.11 7.06 -17.19
CA GLU A 314 9.07 8.52 -17.03
C GLU A 314 9.52 8.91 -15.64
N TYR A 315 9.23 8.06 -14.65
CA TYR A 315 9.67 8.27 -13.28
C TYR A 315 11.18 8.32 -13.16
N VAL A 316 11.87 7.37 -13.80
CA VAL A 316 13.34 7.37 -13.80
C VAL A 316 13.88 8.60 -14.51
N LYS A 317 13.23 8.97 -15.63
CA LYS A 317 13.70 10.09 -16.44
C LYS A 317 13.62 11.40 -15.65
N ARG A 318 12.50 11.66 -14.99
CA ARG A 318 12.37 12.88 -14.19
C ARG A 318 13.30 12.89 -12.99
N ARG A 319 13.52 11.74 -12.34
CA ARG A 319 14.51 11.71 -11.28
C ARG A 319 15.92 11.93 -11.81
N LYS A 320 16.22 11.42 -13.00
CA LYS A 320 17.52 11.70 -13.62
C LYS A 320 17.69 13.18 -13.96
N GLU A 321 16.66 13.79 -14.53
CA GLU A 321 16.73 15.18 -14.98
C GLU A 321 16.50 16.19 -13.85
N GLY A 322 16.03 15.76 -12.68
CA GLY A 322 15.94 16.64 -11.56
C GLY A 322 14.53 17.14 -11.23
N ASN A 323 13.58 16.99 -12.15
CA ASN A 323 12.19 17.33 -11.89
CA ASN A 323 12.19 17.36 -11.84
C ASN A 323 11.49 16.14 -11.23
N TRP A 324 12.02 15.77 -10.07
CA TRP A 324 11.65 14.53 -9.42
C TRP A 324 10.30 14.65 -8.73
N PHE A 325 9.65 13.49 -8.58
CA PHE A 325 8.52 13.33 -7.68
C PHE A 325 8.59 11.92 -7.12
N ASN A 326 7.95 11.73 -5.95
CA ASN A 326 7.83 10.43 -5.30
C ASN A 326 6.46 9.82 -5.60
N PHE A 327 6.44 8.54 -5.97
CA PHE A 327 5.21 7.78 -6.22
C PHE A 327 5.17 6.62 -5.23
N PHE A 328 4.18 6.63 -4.34
CA PHE A 328 4.18 5.72 -3.20
C PHE A 328 4.35 4.27 -3.63
N HIS A 329 3.61 3.84 -4.66
CA HIS A 329 3.68 2.44 -5.06
C HIS A 329 4.99 2.04 -5.73
N PHE A 330 5.89 2.99 -6.02
CA PHE A 330 7.21 2.65 -6.56
C PHE A 330 8.30 2.68 -5.50
N MET A 331 7.94 2.98 -4.26
CA MET A 331 8.93 3.04 -3.20
C MET A 331 9.04 1.65 -2.60
N ILE A 332 10.26 1.20 -2.38
CA ILE A 332 10.43 -0.16 -1.89
C ILE A 332 11.78 -0.22 -1.20
N ASP A 333 11.85 -1.00 -0.14
CA ASP A 333 13.06 -1.12 0.66
C ASP A 333 13.66 -2.49 0.40
N LEU A 334 14.84 -2.51 -0.22
CA LEU A 334 15.53 -3.74 -0.54
C LEU A 334 16.45 -4.20 0.59
N THR A 335 16.17 -3.82 1.84
CA THR A 335 16.95 -4.27 3.01
C THR A 335 15.94 -4.77 4.05
N GLN A 336 15.72 -6.09 4.06
CA GLN A 336 14.73 -6.71 4.94
C GLN A 336 14.96 -8.22 5.07
N ILE A 340 10.00 -11.02 9.34
CA ILE A 340 8.89 -11.91 9.70
C ILE A 340 7.71 -11.12 10.29
N VAL A 341 8.02 -10.05 11.03
CA VAL A 341 6.97 -9.22 11.60
C VAL A 341 6.13 -8.59 10.48
N LYS A 342 6.78 -8.16 9.41
CA LYS A 342 6.05 -7.53 8.32
C LYS A 342 5.23 -8.55 7.53
N ARG A 343 5.74 -9.79 7.43
CA ARG A 343 5.06 -10.80 6.65
C ARG A 343 3.80 -11.32 7.31
N LEU A 344 3.62 -11.08 8.62
CA LEU A 344 2.48 -11.59 9.36
C LEU A 344 1.40 -10.54 9.61
N THR A 345 1.66 -9.29 9.25
CA THR A 345 0.78 -8.20 9.65
C THR A 345 -0.06 -7.63 8.51
N GLY A 346 0.54 -7.34 7.35
CA GLY A 346 -0.24 -6.71 6.29
C GLY A 346 -0.64 -5.29 6.66
N CYS A 347 -1.76 -4.80 6.07
CA CYS A 347 -2.30 -3.49 6.46
C CYS A 347 -2.75 -3.46 7.91
N GLY A 348 -3.03 -4.62 8.51
CA GLY A 348 -3.39 -4.72 9.91
C GLY A 348 -4.87 -4.60 10.22
N SER A 349 -5.73 -4.48 9.21
CA SER A 349 -7.16 -4.29 9.48
C SER A 349 -7.72 -5.48 10.26
N GLY A 350 -8.62 -5.19 11.22
CA GLY A 350 -9.21 -6.23 12.04
C GLY A 350 -8.41 -6.64 13.26
N HIS A 351 -7.11 -6.30 13.35
CA HIS A 351 -6.34 -6.74 14.50
C HIS A 351 -5.34 -5.69 15.00
N GLU A 352 -4.57 -5.05 14.11
CA GLU A 352 -3.67 -3.99 14.55
C GLU A 352 -4.16 -2.61 14.18
N TYR A 353 -5.14 -2.53 13.30
CA TYR A 353 -5.64 -1.27 12.77
C TYR A 353 -7.15 -1.42 12.72
N LEU A 354 -7.86 -0.51 13.38
CA LEU A 354 -9.32 -0.57 13.49
C LEU A 354 -9.91 0.80 13.22
N ALA A 355 -11.14 0.79 12.72
CA ALA A 355 -11.94 1.97 12.44
C ALA A 355 -13.03 2.12 13.51
N VAL A 356 -13.35 3.37 13.84
CA VAL A 356 -14.36 3.70 14.86
C VAL A 356 -15.36 4.66 14.25
N THR A 357 -16.65 4.35 14.34
CA THR A 357 -17.70 5.20 13.76
C THR A 357 -18.02 6.37 14.68
N PRO A 358 -18.69 7.40 14.17
CA PRO A 358 -19.13 8.47 15.09
C PRO A 358 -19.98 7.96 16.22
N GLU A 359 -20.80 6.93 15.97
CA GLU A 359 -21.52 6.23 17.03
C GLU A 359 -20.56 5.51 17.98
N GLY A 360 -19.31 5.31 17.58
CA GLY A 360 -18.34 4.62 18.40
C GLY A 360 -18.19 3.13 18.13
N ASP A 361 -18.85 2.60 17.10
CA ASP A 361 -18.75 1.18 16.76
C ASP A 361 -17.42 0.86 16.11
N ILE A 362 -16.87 -0.32 16.45
CA ILE A 362 -15.54 -0.74 16.00
C ILE A 362 -15.69 -1.71 14.84
N TYR A 363 -14.93 -1.48 13.77
CA TYR A 363 -14.88 -2.29 12.57
C TYR A 363 -13.43 -2.55 12.16
N PRO A 364 -13.17 -3.59 11.36
CA PRO A 364 -11.78 -3.85 10.93
C PRO A 364 -11.14 -2.69 10.20
N CYS A 365 -11.88 -2.06 9.29
CA CYS A 365 -11.39 -0.87 8.61
C CYS A 365 -12.60 -0.16 8.02
N HIS A 366 -12.32 0.99 7.40
CA HIS A 366 -13.41 1.79 6.86
CA HIS A 366 -13.35 1.82 6.79
C HIS A 366 -14.20 1.03 5.79
N GLN A 367 -13.61 0.05 5.11
CA GLN A 367 -14.40 -0.62 4.08
C GLN A 367 -15.39 -1.62 4.64
N PHE A 368 -15.31 -1.97 5.92
CA PHE A 368 -16.25 -2.90 6.53
C PHE A 368 -17.32 -2.21 7.37
N VAL A 369 -17.21 -0.90 7.58
CA VAL A 369 -18.10 -0.19 8.51
C VAL A 369 -19.56 -0.39 8.15
N GLY A 370 -19.87 -0.58 6.87
CA GLY A 370 -21.26 -0.80 6.53
C GLY A 370 -21.89 -2.16 6.83
N ASN A 371 -21.27 -2.99 7.68
CA ASN A 371 -21.72 -4.39 7.79
C ASN A 371 -21.57 -4.87 9.24
N GLU A 372 -22.69 -5.01 9.94
CA GLU A 372 -22.63 -5.32 11.37
C GLU A 372 -22.14 -6.74 11.65
N LYS A 373 -22.15 -7.63 10.66
CA LYS A 373 -21.46 -8.92 10.79
C LYS A 373 -20.00 -8.75 11.20
N PHE A 374 -19.43 -7.58 10.94
CA PHE A 374 -18.04 -7.29 11.26
C PHE A 374 -17.90 -6.30 12.40
N LYS A 375 -19.00 -5.89 13.03
CA LYS A 375 -18.88 -5.02 14.19
C LYS A 375 -18.25 -5.81 15.34
N MET A 376 -17.24 -5.21 15.97
CA MET A 376 -16.45 -5.91 16.97
C MET A 376 -16.62 -5.34 18.37
N GLY A 377 -17.51 -4.36 18.55
CA GLY A 377 -17.70 -3.71 19.82
C GLY A 377 -17.93 -2.23 19.60
N ASN A 378 -17.83 -1.48 20.69
CA ASN A 378 -18.06 -0.04 20.66
C ASN A 378 -17.15 0.56 21.72
N VAL A 379 -16.45 1.63 21.34
CA VAL A 379 -15.44 2.20 22.23
C VAL A 379 -16.05 2.75 23.51
N LYS A 380 -17.33 3.09 23.51
CA LYS A 380 -17.89 3.62 24.75
C LYS A 380 -17.90 2.56 25.86
N GLU A 381 -17.78 1.27 25.50
CA GLU A 381 -17.66 0.18 26.46
C GLU A 381 -16.28 -0.44 26.51
N GLY A 382 -15.56 -0.44 25.39
CA GLY A 382 -14.17 -0.86 25.36
C GLY A 382 -13.93 -2.34 25.33
N VAL A 383 -14.91 -3.15 24.91
CA VAL A 383 -14.82 -4.60 24.96
C VAL A 383 -14.79 -5.12 23.52
N LEU A 384 -13.61 -5.52 23.06
CA LEU A 384 -13.41 -5.93 21.67
C LEU A 384 -13.67 -7.42 21.48
N ASN A 385 -14.37 -7.76 20.40
CA ASN A 385 -14.62 -9.15 20.03
C ASN A 385 -13.29 -9.78 19.59
N ARG A 386 -12.71 -10.60 20.48
CA ARG A 386 -11.39 -11.17 20.23
C ARG A 386 -11.40 -12.22 19.13
N ASP A 387 -12.53 -12.90 18.93
CA ASP A 387 -12.59 -13.90 17.87
C ASP A 387 -12.48 -13.25 16.50
N ILE A 388 -13.15 -12.12 16.29
CA ILE A 388 -12.97 -11.47 15.00
C ILE A 388 -11.55 -10.94 14.87
N GLN A 389 -11.03 -10.30 15.93
CA GLN A 389 -9.64 -9.86 15.91
C GLN A 389 -8.69 -11.00 15.54
N ASN A 390 -8.83 -12.16 16.17
CA ASN A 390 -7.90 -13.23 15.87
C ASN A 390 -8.11 -13.81 14.47
N TYR A 391 -9.35 -13.76 13.94
CA TYR A 391 -9.58 -14.26 12.58
C TYR A 391 -8.88 -13.40 11.53
N PHE A 392 -8.95 -12.07 11.67
CA PHE A 392 -8.22 -11.22 10.73
C PHE A 392 -6.71 -11.35 10.93
N LYS A 393 -6.26 -11.39 12.19
CA LYS A 393 -4.85 -11.62 12.51
C LYS A 393 -4.30 -12.84 11.79
N ASN A 394 -4.99 -13.97 11.86
CA ASN A 394 -4.47 -15.22 11.31
C ASN A 394 -4.74 -15.41 9.82
N SER A 395 -5.34 -14.43 9.15
CA SER A 395 -5.47 -14.45 7.71
C SER A 395 -4.34 -13.58 7.15
N ASN A 396 -3.27 -14.23 6.71
CA ASN A 396 -2.08 -13.51 6.27
C ASN A 396 -1.34 -14.34 5.24
N VAL A 397 -0.23 -13.78 4.78
CA VAL A 397 0.60 -14.34 3.73
C VAL A 397 1.15 -15.72 4.08
N TYR A 398 1.38 -16.00 5.37
CA TYR A 398 1.86 -17.33 5.74
C TYR A 398 0.74 -18.36 5.89
N THR A 399 -0.52 -17.94 5.94
CA THR A 399 -1.61 -18.90 6.05
C THR A 399 -2.47 -19.03 4.81
N LYS A 400 -2.48 -18.03 3.91
CA LYS A 400 -3.25 -18.19 2.67
C LYS A 400 -2.46 -19.09 1.72
N LYS A 401 -3.14 -20.07 1.14
CA LYS A 401 -2.46 -21.04 0.28
C LYS A 401 -1.94 -20.39 -0.99
N GLU A 402 -2.70 -19.46 -1.55
CA GLU A 402 -2.28 -18.80 -2.77
C GLU A 402 -1.02 -17.98 -2.55
N CYS A 403 -0.90 -17.31 -1.40
CA CYS A 403 0.32 -16.54 -1.15
C CYS A 403 1.53 -17.42 -0.99
N ASP A 404 1.36 -18.69 -0.62
CA ASP A 404 2.52 -19.52 -0.35
C ASP A 404 3.30 -19.83 -1.62
N SER A 405 2.63 -19.91 -2.76
CA SER A 405 3.34 -20.10 -4.01
C SER A 405 3.60 -18.78 -4.74
N CYS A 406 3.35 -17.65 -4.10
CA CYS A 406 3.47 -16.37 -4.76
C CYS A 406 4.86 -15.78 -4.52
N TRP A 407 5.52 -15.36 -5.60
CA TRP A 407 6.89 -14.85 -5.47
C TRP A 407 6.94 -13.51 -4.74
N ALA A 408 5.86 -12.73 -4.76
CA ALA A 408 5.87 -11.41 -4.14
C ALA A 408 5.53 -11.42 -2.65
N LYS A 409 5.50 -12.61 -2.02
CA LYS A 409 4.95 -12.73 -0.67
C LYS A 409 5.66 -11.83 0.35
N PHE A 410 6.96 -11.58 0.16
CA PHE A 410 7.69 -10.75 1.10
C PHE A 410 7.81 -9.30 0.67
N TYR A 411 7.41 -8.98 -0.55
CA TYR A 411 7.34 -7.60 -0.99
C TYR A 411 5.95 -7.03 -0.96
N CYS A 412 4.91 -7.86 -1.08
CA CYS A 412 3.60 -7.28 -1.26
C CYS A 412 3.10 -6.70 0.05
N SER A 413 2.06 -5.88 -0.04
CA SER A 413 1.52 -5.28 1.16
C SER A 413 0.63 -6.27 1.92
N GLY A 414 0.48 -7.50 1.43
CA GLY A 414 -0.26 -8.53 2.13
C GLY A 414 -1.67 -8.80 1.63
N GLY A 415 -2.14 -8.08 0.60
CA GLY A 415 -3.50 -8.23 0.16
C GLY A 415 -4.43 -7.32 0.95
N CYS A 416 -5.67 -7.34 0.55
CA CYS A 416 -6.65 -6.39 1.07
C CYS A 416 -7.89 -7.20 1.38
N ALA A 417 -8.11 -7.39 2.69
CA ALA A 417 -9.27 -8.12 3.19
C ALA A 417 -10.58 -7.58 2.62
N ALA A 418 -10.67 -6.27 2.46
CA ALA A 418 -11.88 -5.66 1.91
C ALA A 418 -12.12 -6.15 0.48
N ASN A 419 -11.10 -6.13 -0.37
CA ASN A 419 -11.24 -6.68 -1.73
C ASN A 419 -11.64 -8.14 -1.66
N SER A 420 -10.93 -8.91 -0.84
CA SER A 420 -11.22 -10.33 -0.71
C SER A 420 -12.68 -10.57 -0.32
N TYR A 421 -13.16 -9.87 0.72
CA TYR A 421 -14.57 -10.07 1.10
C TYR A 421 -15.51 -9.54 0.03
N ASN A 422 -15.17 -8.43 -0.61
CA ASN A 422 -16.05 -7.84 -1.60
C ASN A 422 -16.20 -8.74 -2.82
N PHE A 423 -15.14 -9.43 -3.24
CA PHE A 423 -15.25 -10.26 -4.42
C PHE A 423 -15.51 -11.75 -4.14
N HIS A 424 -15.21 -12.26 -2.96
CA HIS A 424 -15.38 -13.69 -2.70
C HIS A 424 -16.10 -14.00 -1.40
N LYS A 425 -16.49 -12.98 -0.63
CA LYS A 425 -17.20 -13.16 0.63
C LYS A 425 -16.36 -13.98 1.62
N ASP A 426 -15.05 -13.80 1.54
CA ASP A 426 -14.11 -14.56 2.35
C ASP A 426 -12.80 -13.80 2.35
N ILE A 427 -12.41 -13.27 3.51
CA ILE A 427 -11.19 -12.49 3.56
C ILE A 427 -9.96 -13.33 3.19
N ASN A 428 -10.04 -14.65 3.21
CA ASN A 428 -8.86 -15.47 2.97
C ASN A 428 -8.61 -15.84 1.53
N THR A 429 -9.52 -15.47 0.61
CA THR A 429 -9.39 -15.78 -0.81
C THR A 429 -8.76 -14.56 -1.47
N VAL A 430 -7.67 -14.76 -2.21
CA VAL A 430 -7.00 -13.61 -2.79
C VAL A 430 -7.83 -13.06 -3.95
N TYR A 431 -7.84 -11.74 -4.05
CA TYR A 431 -8.44 -11.04 -5.19
C TYR A 431 -7.39 -10.99 -6.30
N LYS A 432 -7.59 -11.80 -7.34
CA LYS A 432 -6.54 -12.06 -8.32
C LYS A 432 -6.10 -10.78 -9.05
N VAL A 433 -7.07 -9.98 -9.52
CA VAL A 433 -6.73 -8.71 -10.18
C VAL A 433 -5.88 -7.85 -9.27
N GLY A 434 -6.24 -7.79 -7.98
CA GLY A 434 -5.45 -7.05 -7.03
C GLY A 434 -4.01 -7.53 -6.93
N CYS A 435 -3.83 -8.87 -6.83
CA CYS A 435 -2.48 -9.45 -6.76
C CYS A 435 -1.64 -9.13 -7.98
N GLU A 436 -2.23 -9.27 -9.19
CA GLU A 436 -1.47 -9.01 -10.41
C GLU A 436 -1.06 -7.55 -10.53
N LEU A 437 -1.97 -6.61 -10.20
CA LEU A 437 -1.56 -5.21 -10.12
C LEU A 437 -0.47 -5.02 -9.07
N GLU A 438 -0.60 -5.70 -7.93
CA GLU A 438 0.39 -5.55 -6.87
C GLU A 438 1.73 -6.14 -7.31
N LYS A 439 1.71 -7.28 -7.98
CA LYS A 439 2.97 -7.87 -8.42
C LYS A 439 3.62 -7.00 -9.50
N LYS A 440 2.82 -6.47 -10.41
CA LYS A 440 3.40 -5.62 -11.45
C LYS A 440 4.04 -4.37 -10.85
N ARG A 441 3.39 -3.78 -9.85
N ARG A 441 3.42 -3.77 -9.83
CA ARG A 441 3.94 -2.61 -9.19
CA ARG A 441 4.02 -2.55 -9.28
C ARG A 441 5.31 -2.91 -8.60
C ARG A 441 5.31 -2.86 -8.52
N VAL A 442 5.45 -4.07 -7.97
CA VAL A 442 6.72 -4.47 -7.37
C VAL A 442 7.78 -4.65 -8.44
N GLU A 443 7.43 -5.35 -9.52
CA GLU A 443 8.32 -5.47 -10.67
C GLU A 443 8.81 -4.09 -11.10
N CYS A 444 7.90 -3.11 -11.21
CA CYS A 444 8.31 -1.77 -11.65
C CYS A 444 9.24 -1.13 -10.63
N ALA A 445 8.92 -1.26 -9.34
CA ALA A 445 9.77 -0.67 -8.32
C ALA A 445 11.16 -1.30 -8.35
N LEU A 446 11.25 -2.58 -8.69
CA LEU A 446 12.54 -3.24 -8.80
C LEU A 446 13.32 -2.74 -10.01
N TRP A 447 12.65 -2.60 -11.16
CA TRP A 447 13.30 -2.06 -12.36
C TRP A 447 13.81 -0.64 -12.11
N ILE A 448 13.06 0.15 -11.36
CA ILE A 448 13.51 1.51 -11.04
C ILE A 448 14.80 1.47 -10.23
N LYS A 449 14.85 0.62 -9.20
CA LYS A 449 16.09 0.46 -8.44
C LYS A 449 17.23 0.00 -9.33
N ALA A 450 16.94 -0.87 -10.30
CA ALA A 450 17.99 -1.33 -11.21
C ALA A 450 18.50 -0.22 -12.10
N GLN A 451 17.62 0.72 -12.49
CA GLN A 451 18.04 1.80 -13.37
C GLN A 451 18.93 2.79 -12.65
N GLU A 452 18.86 2.87 -11.33
CA GLU A 452 19.52 3.91 -10.56
C GLU A 452 20.63 3.36 -9.67
N MET A 453 21.32 2.34 -10.16
CA MET A 453 22.39 1.67 -9.41
C MET A 453 23.38 2.63 -8.77
N MET B 1 29.34 -9.74 -10.41
CA MET B 1 30.09 -10.69 -11.23
C MET B 1 30.26 -10.18 -12.66
N LYS B 2 30.34 -11.12 -13.61
CA LYS B 2 30.32 -10.81 -15.03
C LYS B 2 28.92 -10.93 -15.61
N HIS B 3 28.26 -12.06 -15.41
CA HIS B 3 26.93 -12.29 -15.97
C HIS B 3 25.80 -11.90 -15.02
N ILE B 4 26.06 -11.93 -13.71
CA ILE B 4 25.10 -11.52 -12.70
C ILE B 4 25.60 -10.26 -12.01
N LYS B 5 24.67 -9.42 -11.57
CA LYS B 5 24.98 -8.21 -10.82
C LYS B 5 23.99 -8.12 -9.67
N ILE B 6 24.46 -8.28 -8.44
CA ILE B 6 23.59 -8.24 -7.28
C ILE B 6 23.13 -6.81 -7.01
N LEU B 7 21.82 -6.62 -6.85
CA LEU B 7 21.26 -5.28 -6.69
C LEU B 7 21.24 -4.82 -5.23
N ASN B 8 20.92 -5.70 -4.28
CA ASN B 8 20.95 -5.36 -2.86
C ASN B 8 21.97 -6.25 -2.14
N GLY B 9 23.23 -5.80 -2.13
CA GLY B 9 24.28 -6.50 -1.41
C GLY B 9 24.48 -6.01 0.01
N GLY B 20 -1.36 4.49 0.87
CA GLY B 20 -2.25 3.36 1.07
C GLY B 20 -3.26 3.49 2.21
N CYS B 21 -3.19 2.56 3.16
CA CYS B 21 -4.04 2.59 4.35
C CYS B 21 -3.18 2.44 5.62
#